data_3D44
#
_entry.id   3D44
#
_cell.length_a   119.072
_cell.length_b   38.880
_cell.length_c   83.698
_cell.angle_alpha   90.00
_cell.angle_beta   124.89
_cell.angle_gamma   90.00
#
_symmetry.space_group_name_H-M   'C 1 2 1'
#
loop_
_entity.id
_entity.type
_entity.pdbx_description
1 polymer 'Tyrosine-protein phosphatase non-receptor type 7'
2 polymer 'Mitogen-activated protein kinase 1 peptide'
3 non-polymer 'CHLORIDE ION'
4 non-polymer GLYCEROL
5 water water
#
loop_
_entity_poly.entity_id
_entity_poly.type
_entity_poly.pdbx_seq_one_letter_code
_entity_poly.pdbx_strand_id
1 'polypeptide(L)'
;MGSDKIHHHHHHNTPREVTLHFLRTAGHPLTRWALQRQPPSPKQLEEEFLKIPSNFVSPEDLDIPGHASKDRYKDILPNP
QSRVCLGRAQSQEDGDYINANYIRGYDGKEKVYIATQGPMPNTVSDFWEMVWQEEVSLIVMLTQLREGKEKCVHYWPTEE
ETYGPFQIRIQDMKECPEYTVRQLTIQYQEERRSVKHILFSAWPDHQTPESAGPLLRLVAEVEESPETAAHPGPIVVHSS
AGIGRTGCFIATRIGCQQLKARGEVDILGIVCQLRLDRGGMIQTAEQYQFLHHTLALYAGQLPEEPSP
;
A
2 'polypeptide(L)' LDE(PTR)VATR B
#
# COMPACT_ATOMS: atom_id res chain seq x y z
N ASN A 13 -0.66 18.67 26.13
CA ASN A 13 -0.48 18.08 24.78
C ASN A 13 -1.28 18.81 23.70
N THR A 14 -0.60 19.18 22.61
CA THR A 14 -1.27 19.72 21.44
C THR A 14 -2.09 18.61 20.76
N PRO A 15 -3.12 18.99 19.98
CA PRO A 15 -3.87 18.04 19.17
C PRO A 15 -2.97 17.06 18.44
N ARG A 16 -1.89 17.56 17.85
CA ARG A 16 -0.94 16.72 17.12
C ARG A 16 -0.17 15.75 18.03
N GLU A 17 0.18 16.20 19.23
CA GLU A 17 0.86 15.34 20.20
C GLU A 17 -0.07 14.23 20.69
N VAL A 18 -1.33 14.59 20.90
CA VAL A 18 -2.36 13.62 21.27
C VAL A 18 -2.47 12.54 20.19
N THR A 19 -2.55 12.97 18.93
CA THR A 19 -2.63 12.08 17.79
C THR A 19 -1.44 11.12 17.74
N LEU A 20 -0.23 11.67 17.82
CA LEU A 20 0.99 10.87 17.74
C LEU A 20 1.10 9.91 18.91
N HIS A 21 0.73 10.37 20.10
CA HIS A 21 0.72 9.53 21.28
C HIS A 21 -0.22 8.32 21.14
N PHE A 22 -1.44 8.57 20.66
CA PHE A 22 -2.39 7.49 20.41
C PHE A 22 -1.80 6.47 19.44
N LEU A 23 -1.29 6.95 18.31
CA LEU A 23 -0.79 6.06 17.27
C LEU A 23 0.43 5.22 17.69
N ARG A 24 1.20 5.73 18.64
CA ARG A 24 2.38 5.02 19.13
C ARG A 24 2.05 4.03 20.25
N THR A 25 0.89 4.19 20.90
CA THR A 25 0.59 3.43 22.13
C THR A 25 -0.65 2.51 22.08
N ALA A 26 -1.57 2.76 21.13
CA ALA A 26 -2.79 1.94 21.08
C ALA A 26 -2.43 0.51 20.71
N GLY A 27 -3.22 -0.46 21.19
CA GLY A 27 -3.01 -1.83 20.71
C GLY A 27 -4.11 -2.74 21.16
N HIS A 28 -4.43 -3.74 20.34
CA HIS A 28 -5.39 -4.77 20.75
C HIS A 28 -4.90 -6.16 20.31
N PRO A 29 -3.81 -6.68 20.93
CA PRO A 29 -3.32 -8.00 20.50
C PRO A 29 -4.35 -9.09 20.80
N LEU A 30 -4.48 -10.04 19.86
CA LEU A 30 -5.42 -11.15 19.97
C LEU A 30 -4.64 -12.40 19.70
N THR A 31 -4.83 -13.43 20.50
CA THR A 31 -4.28 -14.72 20.14
C THR A 31 -5.01 -15.14 18.85
N ARG A 32 -4.39 -16.02 18.07
CA ARG A 32 -5.05 -16.53 16.89
C ARG A 32 -6.35 -17.26 17.25
N TRP A 33 -6.39 -17.92 18.42
CA TRP A 33 -7.63 -18.52 18.89
C TRP A 33 -8.74 -17.48 19.09
N ALA A 34 -8.43 -16.38 19.79
CA ALA A 34 -9.41 -15.30 19.98
C ALA A 34 -9.89 -14.75 18.64
N LEU A 35 -8.95 -14.54 17.72
CA LEU A 35 -9.30 -14.03 16.38
C LEU A 35 -10.28 -14.98 15.64
N GLN A 36 -9.98 -16.27 15.66
CA GLN A 36 -10.74 -17.28 14.93
C GLN A 36 -12.07 -17.64 15.62
N ARG A 37 -12.04 -17.69 16.96
CA ARG A 37 -13.13 -18.34 17.71
C ARG A 37 -13.97 -17.42 18.57
N GLN A 38 -13.41 -16.26 18.95
CA GLN A 38 -14.08 -15.34 19.86
C GLN A 38 -13.69 -13.90 19.55
N PRO A 39 -13.94 -13.45 18.30
CA PRO A 39 -13.41 -12.13 17.90
C PRO A 39 -14.21 -10.98 18.52
N PRO A 40 -13.65 -9.75 18.52
CA PRO A 40 -14.49 -8.67 19.04
C PRO A 40 -15.72 -8.55 18.15
N SER A 41 -16.81 -8.00 18.69
CA SER A 41 -18.05 -7.84 17.93
C SER A 41 -17.89 -6.81 16.80
N PRO A 42 -18.75 -6.86 15.78
CA PRO A 42 -18.71 -5.78 14.79
C PRO A 42 -18.82 -4.38 15.40
N LYS A 43 -19.66 -4.22 16.43
CA LYS A 43 -19.84 -2.91 17.06
C LYS A 43 -18.55 -2.51 17.79
N GLN A 44 -17.92 -3.47 18.47
CA GLN A 44 -16.65 -3.22 19.16
C GLN A 44 -15.55 -2.81 18.16
N LEU A 45 -15.50 -3.49 17.02
CA LEU A 45 -14.51 -3.17 15.98
C LEU A 45 -14.73 -1.79 15.38
N GLU A 46 -15.99 -1.45 15.13
CA GLU A 46 -16.32 -0.11 14.62
C GLU A 46 -15.92 1.01 15.59
N GLU A 47 -16.23 0.83 16.88
CA GLU A 47 -15.88 1.82 17.90
C GLU A 47 -14.36 1.97 18.01
N GLU A 48 -13.67 0.83 17.95
CA GLU A 48 -12.21 0.81 18.01
C GLU A 48 -11.62 1.53 16.79
N PHE A 49 -12.16 1.23 15.61
CA PHE A 49 -11.68 1.91 14.39
C PHE A 49 -11.86 3.44 14.43
N LEU A 50 -13.02 3.86 14.91
CA LEU A 50 -13.39 5.28 14.89
C LEU A 50 -12.55 6.10 15.85
N LYS A 51 -11.92 5.43 16.81
CA LYS A 51 -11.01 6.06 17.77
C LYS A 51 -9.65 6.44 17.18
N ILE A 52 -9.28 5.80 16.07
CA ILE A 52 -7.93 5.96 15.50
C ILE A 52 -7.86 7.29 14.73
N PRO A 53 -6.92 8.17 15.12
CA PRO A 53 -6.77 9.44 14.37
C PRO A 53 -6.31 9.20 12.95
N SER A 54 -6.77 10.05 12.03
CA SER A 54 -6.40 9.95 10.62
C SER A 54 -4.91 10.21 10.37
N ASN A 55 -4.34 11.17 11.11
CA ASN A 55 -2.97 11.66 10.86
C ASN A 55 -2.82 12.26 9.44
N PHE A 56 -3.91 12.81 8.90
CA PHE A 56 -3.84 13.53 7.62
C PHE A 56 -3.02 14.81 7.73
N VAL A 57 -2.19 15.06 6.73
CA VAL A 57 -1.48 16.32 6.58
C VAL A 57 -2.42 17.33 5.90
N SER A 58 -2.43 18.57 6.39
CA SER A 58 -3.22 19.63 5.76
C SER A 58 -2.38 20.30 4.68
N PRO A 59 -3.04 20.90 3.66
CA PRO A 59 -2.25 21.59 2.64
C PRO A 59 -1.31 22.64 3.24
N GLU A 60 -1.69 23.22 4.39
CA GLU A 60 -0.84 24.20 5.09
C GLU A 60 0.43 23.58 5.67
N ASP A 61 0.35 22.31 6.07
CA ASP A 61 1.48 21.57 6.62
C ASP A 61 2.56 21.25 5.58
N LEU A 62 2.23 21.46 4.31
CA LEU A 62 3.08 21.06 3.21
C LEU A 62 3.60 22.29 2.50
N ASP A 63 4.90 22.50 2.54
CA ASP A 63 5.51 23.65 1.87
C ASP A 63 6.37 23.12 0.75
N ILE A 64 5.71 22.68 -0.32
CA ILE A 64 6.38 22.15 -1.49
C ILE A 64 5.74 22.81 -2.70
N PRO A 65 6.29 23.95 -3.12
CA PRO A 65 5.72 24.68 -4.26
C PRO A 65 5.57 23.77 -5.47
N GLY A 66 4.39 23.83 -6.10
CA GLY A 66 4.11 23.05 -7.29
C GLY A 66 3.53 21.66 -7.06
N HIS A 67 3.35 21.26 -5.79
CA HIS A 67 2.95 19.86 -5.49
C HIS A 67 1.50 19.57 -5.93
N ALA A 68 0.63 20.58 -5.89
CA ALA A 68 -0.81 20.34 -6.14
C ALA A 68 -1.11 19.74 -7.51
N SER A 69 -0.34 20.13 -8.52
CA SER A 69 -0.53 19.61 -9.87
C SER A 69 -0.22 18.11 -9.96
N LYS A 70 0.44 17.57 -8.93
CA LYS A 70 0.84 16.15 -8.95
C LYS A 70 0.03 15.31 -7.94
N ASP A 71 -0.97 15.91 -7.32
CA ASP A 71 -1.91 15.18 -6.43
C ASP A 71 -3.22 14.87 -7.13
N ARG A 72 -3.70 13.63 -7.02
CA ARG A 72 -5.01 13.30 -7.56
C ARG A 72 -6.11 13.97 -6.73
N TYR A 73 -5.95 13.99 -5.41
CA TYR A 73 -6.93 14.57 -4.50
C TYR A 73 -6.26 15.59 -3.58
N LYS A 74 -6.83 16.79 -3.48
CA LYS A 74 -6.21 17.85 -2.69
C LYS A 74 -6.19 17.57 -1.19
N ASP A 75 -7.08 16.70 -0.73
CA ASP A 75 -7.16 16.32 0.68
C ASP A 75 -6.30 15.10 1.09
N ILE A 76 -5.65 14.45 0.11
CA ILE A 76 -4.81 13.27 0.40
C ILE A 76 -3.36 13.60 0.04
N LEU A 77 -2.57 13.85 1.07
CA LEU A 77 -1.20 14.34 0.91
C LEU A 77 -0.23 13.44 1.64
N PRO A 78 1.01 13.33 1.14
CA PRO A 78 2.01 12.52 1.82
C PRO A 78 2.60 13.22 3.05
N ASN A 79 2.60 12.51 4.17
CA ASN A 79 3.29 13.00 5.38
C ASN A 79 4.77 13.31 5.07
N PRO A 80 5.23 14.52 5.39
CA PRO A 80 6.57 14.92 4.97
C PRO A 80 7.69 14.06 5.52
N GLN A 81 7.59 13.62 6.77
CA GLN A 81 8.67 12.84 7.39
C GLN A 81 8.97 11.50 6.68
N SER A 82 7.98 10.97 5.96
CA SER A 82 8.13 9.69 5.29
C SER A 82 7.87 9.76 3.77
N ARG A 83 7.76 10.97 3.23
CA ARG A 83 7.52 11.08 1.79
C ARG A 83 8.73 10.61 0.98
N VAL A 84 8.46 10.05 -0.19
CA VAL A 84 9.50 9.60 -1.10
C VAL A 84 9.93 10.83 -1.89
N CYS A 85 11.22 11.15 -1.84
CA CYS A 85 11.75 12.31 -2.58
C CYS A 85 12.46 11.82 -3.82
N LEU A 86 12.08 12.42 -4.96
CA LEU A 86 12.64 12.04 -6.25
C LEU A 86 14.00 12.73 -6.48
N GLY A 87 15.01 11.95 -6.87
CA GLY A 87 16.32 12.50 -7.24
C GLY A 87 16.32 13.21 -8.59
N ARG A 88 17.48 13.72 -8.98
CA ARG A 88 17.57 14.70 -10.07
C ARG A 88 17.68 14.20 -11.53
N ALA A 89 17.49 12.91 -11.79
CA ALA A 89 17.57 12.41 -13.18
C ALA A 89 16.73 11.17 -13.51
N GLN A 90 15.61 11.31 -14.24
CA GLN A 90 14.99 12.61 -14.68
C GLN A 90 15.67 13.94 -14.41
N ASP A 94 12.19 19.80 -12.07
CA ASP A 94 13.17 20.41 -11.15
C ASP A 94 12.94 20.05 -9.66
N GLY A 95 11.70 19.67 -9.32
CA GLY A 95 11.36 19.30 -7.93
C GLY A 95 11.53 17.82 -7.61
N ASP A 96 11.29 17.45 -6.35
CA ASP A 96 11.50 16.08 -5.90
C ASP A 96 10.18 15.40 -5.50
N TYR A 97 9.05 15.99 -5.89
CA TYR A 97 7.74 15.58 -5.34
C TYR A 97 7.02 14.44 -6.08
N ILE A 98 6.59 13.46 -5.28
CA ILE A 98 5.60 12.47 -5.73
C ILE A 98 4.69 12.17 -4.54
N ASN A 99 3.41 11.90 -4.79
CA ASN A 99 2.47 11.62 -3.70
C ASN A 99 2.63 10.16 -3.32
N ALA A 100 3.55 9.91 -2.40
CA ALA A 100 3.95 8.55 -2.01
C ALA A 100 4.69 8.63 -0.69
N ASN A 101 4.56 7.57 0.13
CA ASN A 101 5.27 7.49 1.39
C ASN A 101 5.90 6.14 1.57
N TYR A 102 7.07 6.11 2.20
CA TYR A 102 7.63 4.85 2.67
C TYR A 102 6.77 4.30 3.82
N ILE A 103 6.53 2.99 3.80
CA ILE A 103 5.74 2.35 4.83
C ILE A 103 6.54 1.26 5.52
N ARG A 104 6.54 1.27 6.85
CA ARG A 104 7.20 0.21 7.60
C ARG A 104 6.47 -1.11 7.50
N GLY A 105 7.20 -2.22 7.66
CA GLY A 105 6.58 -3.53 7.64
C GLY A 105 6.58 -4.20 8.98
N TYR A 106 6.82 -5.52 8.96
CA TYR A 106 6.78 -6.35 10.17
C TYR A 106 7.76 -5.84 11.20
N ASP A 107 7.28 -5.68 12.44
CA ASP A 107 8.11 -5.18 13.55
C ASP A 107 8.74 -3.80 13.28
N GLY A 108 8.08 -2.99 12.45
CA GLY A 108 8.58 -1.64 12.16
C GLY A 108 9.74 -1.56 11.19
N LYS A 109 10.02 -2.66 10.48
CA LYS A 109 11.14 -2.71 9.53
C LYS A 109 10.97 -1.56 8.52
N GLU A 110 12.03 -0.79 8.27
CA GLU A 110 11.88 0.41 7.44
C GLU A 110 11.69 0.09 5.96
N LYS A 111 10.91 0.91 5.27
CA LYS A 111 10.81 0.93 3.80
C LYS A 111 10.47 -0.43 3.16
N VAL A 112 9.61 -1.20 3.81
CA VAL A 112 9.16 -2.45 3.22
C VAL A 112 8.22 -2.19 2.04
N TYR A 113 7.43 -1.10 2.15
CA TYR A 113 6.48 -0.71 1.08
C TYR A 113 6.62 0.75 0.75
N ILE A 114 6.17 1.10 -0.45
CA ILE A 114 5.79 2.48 -0.75
C ILE A 114 4.30 2.46 -1.06
N ALA A 115 3.54 3.27 -0.31
CA ALA A 115 2.13 3.46 -0.64
C ALA A 115 1.98 4.74 -1.44
N THR A 116 1.31 4.67 -2.58
CA THR A 116 1.20 5.82 -3.47
C THR A 116 -0.16 5.80 -4.16
N GLN A 117 -0.54 6.93 -4.75
CA GLN A 117 -1.74 7.00 -5.56
C GLN A 117 -1.47 6.41 -6.93
N GLY A 118 -2.53 6.08 -7.66
CA GLY A 118 -2.37 5.68 -9.07
C GLY A 118 -1.82 6.88 -9.84
N PRO A 119 -0.78 6.68 -10.64
CA PRO A 119 -0.23 7.83 -11.36
C PRO A 119 -1.25 8.52 -12.27
N MET A 120 -1.08 9.83 -12.42
CA MET A 120 -1.81 10.62 -13.41
C MET A 120 -0.92 10.78 -14.66
N PRO A 121 -1.51 11.12 -15.84
CA PRO A 121 -0.68 11.21 -17.04
C PRO A 121 0.59 12.03 -16.81
N ASN A 122 0.46 13.12 -16.06
CA ASN A 122 1.62 14.00 -15.78
C ASN A 122 2.57 13.49 -14.68
N THR A 123 2.24 12.38 -14.02
CA THR A 123 3.15 11.81 -13.00
C THR A 123 3.66 10.42 -13.34
N VAL A 124 3.40 9.94 -14.55
CA VAL A 124 3.85 8.61 -14.96
C VAL A 124 5.38 8.50 -14.96
N SER A 125 6.08 9.50 -15.51
CA SER A 125 7.54 9.48 -15.49
C SER A 125 8.08 9.53 -14.07
N ASP A 126 7.40 10.30 -13.21
CA ASP A 126 7.74 10.40 -11.78
C ASP A 126 7.62 9.02 -11.14
N PHE A 127 6.54 8.31 -11.45
CA PHE A 127 6.30 6.97 -10.91
C PHE A 127 7.42 5.99 -11.32
N TRP A 128 7.80 5.98 -12.60
CA TRP A 128 8.86 5.09 -13.03
C TRP A 128 10.23 5.51 -12.50
N GLU A 129 10.45 6.81 -12.33
CA GLU A 129 11.68 7.27 -11.67
C GLU A 129 11.78 6.75 -10.23
N MET A 130 10.65 6.75 -9.51
CA MET A 130 10.59 6.18 -8.15
C MET A 130 10.94 4.69 -8.16
N VAL A 131 10.36 3.95 -9.11
CA VAL A 131 10.58 2.51 -9.27
C VAL A 131 12.09 2.26 -9.51
N TRP A 132 12.67 3.04 -10.42
CA TRP A 132 14.10 2.96 -10.71
C TRP A 132 14.98 3.29 -9.49
N GLN A 133 14.77 4.48 -8.94
CA GLN A 133 15.56 5.01 -7.82
C GLN A 133 15.52 4.14 -6.56
N GLU A 134 14.35 3.58 -6.27
CA GLU A 134 14.14 2.79 -5.07
C GLU A 134 14.38 1.29 -5.29
N GLU A 135 14.81 0.92 -6.49
CA GLU A 135 15.08 -0.48 -6.85
C GLU A 135 13.87 -1.36 -6.54
N VAL A 136 12.71 -0.89 -6.99
CA VAL A 136 11.46 -1.60 -6.77
C VAL A 136 11.39 -2.77 -7.76
N SER A 137 11.15 -3.98 -7.25
CA SER A 137 10.95 -5.10 -8.15
C SER A 137 9.52 -5.62 -8.23
N LEU A 138 8.63 -5.08 -7.38
CA LEU A 138 7.25 -5.55 -7.33
C LEU A 138 6.28 -4.39 -7.12
N ILE A 139 5.25 -4.35 -7.97
CA ILE A 139 4.18 -3.38 -7.87
C ILE A 139 2.87 -4.14 -7.66
N VAL A 140 2.10 -3.74 -6.64
CA VAL A 140 0.78 -4.28 -6.37
C VAL A 140 -0.23 -3.17 -6.60
N MET A 141 -1.10 -3.37 -7.58
CA MET A 141 -2.11 -2.38 -7.94
C MET A 141 -3.51 -2.88 -7.60
N LEU A 142 -4.23 -2.08 -6.82
CA LEU A 142 -5.57 -2.45 -6.36
C LEU A 142 -6.57 -1.53 -7.03
N THR A 143 -7.57 -2.14 -7.66
CA THR A 143 -8.50 -1.36 -8.47
C THR A 143 -9.88 -2.03 -8.55
N GLN A 144 -10.87 -1.28 -9.02
CA GLN A 144 -12.08 -1.89 -9.59
C GLN A 144 -12.04 -1.66 -11.11
N LEU A 145 -11.89 -2.73 -11.89
CA LEU A 145 -11.96 -2.62 -13.35
C LEU A 145 -13.43 -2.44 -13.73
N ARG A 146 -13.89 -1.19 -13.61
CA ARG A 146 -15.28 -0.82 -13.86
C ARG A 146 -15.36 0.68 -14.10
N CYS A 152 -8.03 5.79 -13.91
CA CYS A 152 -6.60 6.10 -13.83
C CYS A 152 -5.90 5.61 -15.10
N VAL A 153 -5.01 6.44 -15.63
CA VAL A 153 -4.26 6.14 -16.85
C VAL A 153 -3.45 4.84 -16.73
N HIS A 154 -3.36 4.07 -17.82
CA HIS A 154 -2.42 2.96 -17.88
C HIS A 154 -1.02 3.52 -18.01
N TYR A 155 -0.21 3.31 -16.97
CA TYR A 155 1.18 3.77 -16.97
C TYR A 155 2.15 2.68 -17.43
N TRP A 156 1.61 1.53 -17.84
CA TRP A 156 2.40 0.43 -18.38
C TRP A 156 1.95 0.22 -19.83
N PRO A 157 2.83 -0.33 -20.68
CA PRO A 157 2.51 -0.45 -22.10
C PRO A 157 1.80 -1.74 -22.47
N THR A 158 1.12 -1.74 -23.61
CA THR A 158 0.57 -2.97 -24.16
C THR A 158 1.71 -3.84 -24.70
N GLU A 159 2.70 -3.21 -25.32
CA GLU A 159 3.93 -3.91 -25.69
C GLU A 159 5.19 -3.15 -25.29
N GLU A 160 5.34 -1.90 -25.73
CA GLU A 160 6.50 -1.08 -25.37
C GLU A 160 6.15 0.40 -25.42
N GLU A 161 6.59 1.16 -24.41
CA GLU A 161 6.44 2.62 -24.41
C GLU A 161 7.63 3.27 -23.76
N THR A 162 7.79 4.56 -24.04
CA THR A 162 8.80 5.37 -23.39
C THR A 162 8.12 6.45 -22.56
N TYR A 163 8.57 6.58 -21.31
CA TYR A 163 8.04 7.54 -20.36
C TYR A 163 9.25 8.26 -19.80
N GLY A 164 9.43 9.53 -20.19
CA GLY A 164 10.65 10.25 -19.83
C GLY A 164 11.88 9.49 -20.28
N PRO A 165 12.86 9.30 -19.38
CA PRO A 165 14.07 8.56 -19.76
C PRO A 165 13.94 7.03 -19.70
N PHE A 166 12.72 6.51 -19.51
CA PHE A 166 12.52 5.07 -19.34
C PHE A 166 11.76 4.37 -20.46
N GLN A 167 12.32 3.26 -20.92
CA GLN A 167 11.62 2.41 -21.85
C GLN A 167 11.12 1.17 -21.11
N ILE A 168 9.81 0.96 -21.17
CA ILE A 168 9.15 -0.19 -20.54
C ILE A 168 8.65 -1.15 -21.62
N ARG A 169 8.91 -2.44 -21.46
CA ARG A 169 8.42 -3.48 -22.36
C ARG A 169 7.76 -4.57 -21.55
N ILE A 170 6.67 -5.13 -22.08
CA ILE A 170 6.07 -6.33 -21.47
C ILE A 170 6.85 -7.57 -21.92
N GLN A 171 7.31 -8.36 -20.95
CA GLN A 171 7.95 -9.64 -21.25
C GLN A 171 6.97 -10.80 -21.20
N ASP A 172 6.08 -10.79 -20.21
CA ASP A 172 5.10 -11.85 -20.01
C ASP A 172 3.83 -11.25 -19.41
N MET A 173 2.69 -11.86 -19.70
CA MET A 173 1.45 -11.51 -19.04
C MET A 173 0.58 -12.73 -18.79
N LYS A 174 0.20 -12.95 -17.53
CA LYS A 174 -0.65 -14.09 -17.19
C LYS A 174 -1.90 -13.73 -16.38
N GLU A 175 -3.00 -14.37 -16.73
CA GLU A 175 -4.29 -14.07 -16.16
C GLU A 175 -4.76 -15.21 -15.28
N CYS A 176 -5.17 -14.88 -14.06
CA CYS A 176 -5.90 -15.83 -13.25
C CYS A 176 -7.16 -15.12 -12.72
N PRO A 177 -8.14 -15.89 -12.19
CA PRO A 177 -9.36 -15.28 -11.69
C PRO A 177 -9.13 -14.10 -10.75
N GLU A 178 -8.07 -14.17 -9.94
CA GLU A 178 -7.89 -13.23 -8.84
C GLU A 178 -7.14 -11.94 -9.25
N TYR A 179 -6.27 -12.04 -10.25
CA TYR A 179 -5.37 -10.96 -10.64
C TYR A 179 -4.67 -11.26 -11.96
N THR A 180 -4.08 -10.21 -12.55
CA THR A 180 -3.22 -10.34 -13.71
C THR A 180 -1.78 -10.01 -13.32
N VAL A 181 -0.86 -10.90 -13.68
CA VAL A 181 0.58 -10.67 -13.46
C VAL A 181 1.19 -10.27 -14.80
N ARG A 182 1.84 -9.11 -14.82
CA ARG A 182 2.67 -8.69 -15.96
C ARG A 182 4.13 -8.68 -15.57
N GLN A 183 4.98 -9.26 -16.42
CA GLN A 183 6.42 -9.18 -16.21
C GLN A 183 6.99 -8.13 -17.14
N LEU A 184 7.56 -7.08 -16.53
CA LEU A 184 8.02 -5.90 -17.26
C LEU A 184 9.54 -5.78 -17.17
N THR A 185 10.12 -5.14 -18.19
CA THR A 185 11.50 -4.69 -18.11
C THR A 185 11.49 -3.18 -18.19
N ILE A 186 12.29 -2.54 -17.35
CA ILE A 186 12.46 -1.10 -17.42
C ILE A 186 13.89 -0.84 -17.82
N GLN A 187 14.06 -0.02 -18.84
CA GLN A 187 15.39 0.36 -19.32
C GLN A 187 15.68 1.85 -19.14
N TYR A 188 16.80 2.11 -18.47
CA TYR A 188 17.37 3.43 -18.36
C TYR A 188 18.79 3.35 -18.89
N GLN A 189 19.04 4.09 -19.98
CA GLN A 189 20.31 4.01 -20.72
C GLN A 189 20.62 2.57 -21.16
N GLU A 190 21.80 2.06 -20.80
CA GLU A 190 22.17 0.70 -21.18
C GLU A 190 21.76 -0.35 -20.13
N GLU A 191 21.19 0.12 -19.02
CA GLU A 191 20.78 -0.77 -17.93
C GLU A 191 19.30 -1.20 -18.04
N ARG A 192 19.05 -2.49 -17.85
CA ARG A 192 17.69 -3.03 -17.91
C ARG A 192 17.36 -3.75 -16.60
N ARG A 193 16.18 -3.51 -16.05
CA ARG A 193 15.76 -4.17 -14.81
C ARG A 193 14.43 -4.86 -14.97
N SER A 194 14.16 -5.84 -14.13
CA SER A 194 12.90 -6.56 -14.16
C SER A 194 11.96 -5.97 -13.12
N VAL A 195 10.68 -5.80 -13.46
CA VAL A 195 9.66 -5.43 -12.48
C VAL A 195 8.44 -6.35 -12.68
N LYS A 196 7.98 -6.97 -11.59
CA LYS A 196 6.73 -7.73 -11.60
C LYS A 196 5.58 -6.80 -11.23
N HIS A 197 4.48 -6.85 -11.98
CA HIS A 197 3.33 -5.99 -11.75
C HIS A 197 2.10 -6.90 -11.56
N ILE A 198 1.39 -6.72 -10.45
CA ILE A 198 0.17 -7.49 -10.19
C ILE A 198 -1.01 -6.57 -10.09
N LEU A 199 -2.02 -6.81 -10.93
CA LEU A 199 -3.20 -5.96 -10.95
C LEU A 199 -4.37 -6.77 -10.39
N PHE A 200 -4.86 -6.36 -9.22
CA PHE A 200 -5.94 -7.03 -8.52
C PHE A 200 -7.17 -6.15 -8.65
N SER A 201 -8.19 -6.64 -9.36
CA SER A 201 -9.38 -5.84 -9.58
C SER A 201 -10.54 -6.26 -8.65
N ALA A 202 -11.74 -5.80 -8.97
CA ALA A 202 -12.93 -6.09 -8.15
C ALA A 202 -12.82 -5.59 -6.69
N TRP A 203 -12.07 -4.50 -6.49
CA TRP A 203 -12.02 -3.87 -5.19
C TRP A 203 -12.38 -2.40 -5.35
N PRO A 204 -13.67 -2.06 -5.14
CA PRO A 204 -14.11 -0.67 -5.31
C PRO A 204 -13.57 0.18 -4.19
N ASP A 205 -13.25 1.45 -4.48
CA ASP A 205 -12.77 2.35 -3.44
C ASP A 205 -13.85 2.54 -2.39
N HIS A 206 -13.42 2.77 -1.16
CA HIS A 206 -14.30 2.93 0.01
C HIS A 206 -15.09 1.66 0.34
N GLN A 207 -14.78 0.55 -0.32
CA GLN A 207 -15.46 -0.73 -0.06
C GLN A 207 -14.47 -1.88 0.14
N THR A 208 -15.01 -3.11 0.23
CA THR A 208 -14.19 -4.31 0.38
C THR A 208 -14.51 -5.25 -0.76
N PRO A 209 -13.63 -6.25 -1.00
CA PRO A 209 -14.01 -7.36 -1.88
C PRO A 209 -15.17 -8.16 -1.26
N GLU A 210 -15.90 -8.91 -2.08
CA GLU A 210 -17.03 -9.70 -1.57
C GLU A 210 -16.60 -10.91 -0.76
N SER A 211 -15.40 -11.43 -1.04
CA SER A 211 -14.85 -12.54 -0.29
C SER A 211 -13.36 -12.29 -0.05
N ALA A 212 -12.76 -13.05 0.88
CA ALA A 212 -11.35 -12.84 1.25
C ALA A 212 -10.36 -13.80 0.56
N GLY A 213 -10.87 -14.86 -0.07
CA GLY A 213 -10.03 -15.86 -0.73
C GLY A 213 -9.04 -15.30 -1.76
N PRO A 214 -9.54 -14.57 -2.77
CA PRO A 214 -8.67 -13.92 -3.77
C PRO A 214 -7.58 -13.02 -3.15
N LEU A 215 -7.97 -12.19 -2.19
CA LEU A 215 -7.00 -11.33 -1.48
C LEU A 215 -5.84 -12.14 -0.85
N LEU A 216 -6.15 -13.25 -0.19
CA LEU A 216 -5.09 -14.07 0.38
C LEU A 216 -4.21 -14.74 -0.69
N ARG A 217 -4.83 -15.07 -1.84
CA ARG A 217 -4.06 -15.59 -3.00
C ARG A 217 -3.09 -14.52 -3.50
N LEU A 218 -3.54 -13.26 -3.49
CA LEU A 218 -2.69 -12.13 -3.84
C LEU A 218 -1.54 -11.98 -2.84
N VAL A 219 -1.84 -12.07 -1.55
CA VAL A 219 -0.77 -12.03 -0.52
C VAL A 219 0.26 -13.15 -0.74
N ALA A 220 -0.23 -14.36 -1.01
CA ALA A 220 0.65 -15.49 -1.33
C ALA A 220 1.52 -15.25 -2.58
N GLU A 221 0.90 -14.71 -3.63
CA GLU A 221 1.61 -14.33 -4.84
C GLU A 221 2.77 -13.36 -4.54
N VAL A 222 2.48 -12.36 -3.70
CA VAL A 222 3.48 -11.37 -3.26
C VAL A 222 4.59 -12.05 -2.44
N GLU A 223 4.17 -12.89 -1.49
CA GLU A 223 5.11 -13.63 -0.64
C GLU A 223 6.04 -14.50 -1.48
N GLU A 224 5.50 -15.09 -2.54
CA GLU A 224 6.23 -16.00 -3.46
C GLU A 224 7.11 -15.28 -4.48
N SER A 225 6.98 -13.96 -4.59
CA SER A 225 7.73 -13.21 -5.60
C SER A 225 9.22 -13.16 -5.23
N PRO A 226 10.10 -13.59 -6.15
CA PRO A 226 11.53 -13.49 -5.86
C PRO A 226 12.04 -12.06 -5.89
N GLU A 227 13.10 -11.81 -5.13
CA GLU A 227 13.81 -10.54 -5.20
C GLU A 227 14.61 -10.53 -6.50
N THR A 228 14.53 -9.44 -7.25
CA THR A 228 15.23 -9.33 -8.55
C THR A 228 16.10 -8.08 -8.67
N ALA A 229 16.21 -7.33 -7.57
CA ALA A 229 16.98 -6.08 -7.55
C ALA A 229 18.38 -6.31 -6.96
N ALA A 230 19.27 -5.33 -7.16
CA ALA A 230 20.65 -5.38 -6.66
C ALA A 230 20.76 -5.27 -5.14
N HIS A 231 19.79 -4.56 -4.56
CA HIS A 231 19.58 -4.48 -3.11
C HIS A 231 18.06 -4.52 -2.89
N PRO A 232 17.60 -5.10 -1.77
CA PRO A 232 16.15 -5.17 -1.53
C PRO A 232 15.51 -3.77 -1.52
N GLY A 233 14.38 -3.63 -2.20
CA GLY A 233 13.67 -2.34 -2.22
C GLY A 233 12.24 -2.50 -1.75
N PRO A 234 11.52 -1.37 -1.58
CA PRO A 234 10.12 -1.40 -1.16
C PRO A 234 9.27 -2.03 -2.24
N ILE A 235 8.19 -2.66 -1.80
CA ILE A 235 7.12 -3.08 -2.67
C ILE A 235 6.20 -1.87 -2.83
N VAL A 236 5.94 -1.45 -4.08
CA VAL A 236 5.03 -0.35 -4.32
C VAL A 236 3.61 -0.91 -4.31
N VAL A 237 2.74 -0.32 -3.51
CA VAL A 237 1.30 -0.70 -3.45
C VAL A 237 0.53 0.58 -3.76
N HIS A 238 -0.42 0.51 -4.69
CA HIS A 238 -1.18 1.71 -5.04
C HIS A 238 -2.64 1.44 -5.35
N SER A 239 -3.43 2.50 -5.23
CA SER A 239 -4.84 2.52 -5.60
C SER A 239 -5.09 3.99 -5.90
N SER A 240 -6.30 4.32 -6.34
CA SER A 240 -6.66 5.69 -6.75
C SER A 240 -6.05 6.76 -5.84
N ALA A 241 -6.35 6.70 -4.55
CA ALA A 241 -5.84 7.68 -3.58
C ALA A 241 -4.63 7.16 -2.82
N GLY A 242 -4.50 5.84 -2.74
CA GLY A 242 -3.32 5.22 -2.10
C GLY A 242 -3.39 5.13 -0.59
N ILE A 243 -4.60 5.14 -0.04
CA ILE A 243 -4.77 5.03 1.42
C ILE A 243 -5.72 3.92 1.91
N GLY A 244 -6.86 3.76 1.23
CA GLY A 244 -7.88 2.81 1.71
C GLY A 244 -7.49 1.39 1.38
N ARG A 245 -7.61 1.04 0.09
CA ARG A 245 -7.30 -0.31 -0.36
C ARG A 245 -5.81 -0.59 -0.17
N THR A 246 -5.00 0.44 -0.38
CA THR A 246 -3.56 0.31 -0.16
C THR A 246 -3.28 -0.05 1.29
N GLY A 247 -3.95 0.65 2.21
CA GLY A 247 -3.78 0.38 3.65
C GLY A 247 -4.28 -1.00 4.02
N CYS A 248 -5.39 -1.42 3.43
CA CYS A 248 -5.97 -2.76 3.72
C CYS A 248 -5.03 -3.86 3.25
N PHE A 249 -4.43 -3.69 2.07
CA PHE A 249 -3.53 -4.72 1.57
C PHE A 249 -2.31 -4.88 2.47
N ILE A 250 -1.66 -3.77 2.78
CA ILE A 250 -0.45 -3.78 3.60
C ILE A 250 -0.76 -4.34 5.00
N ALA A 251 -1.86 -3.88 5.61
CA ALA A 251 -2.23 -4.37 6.93
C ALA A 251 -2.47 -5.87 6.90
N THR A 252 -3.13 -6.34 5.83
CA THR A 252 -3.37 -7.77 5.67
C THR A 252 -2.02 -8.52 5.62
N ARG A 253 -1.08 -8.03 4.82
CA ARG A 253 0.22 -8.71 4.71
C ARG A 253 0.92 -8.76 6.08
N ILE A 254 1.02 -7.61 6.76
CA ILE A 254 1.68 -7.58 8.09
C ILE A 254 0.97 -8.48 9.13
N GLY A 255 -0.37 -8.45 9.11
CA GLY A 255 -1.17 -9.33 9.94
C GLY A 255 -0.90 -10.82 9.69
N CYS A 256 -0.82 -11.23 8.42
CA CYS A 256 -0.48 -12.61 8.09
C CYS A 256 0.91 -12.97 8.66
N GLN A 257 1.85 -12.04 8.55
CA GLN A 257 3.19 -12.29 9.06
C GLN A 257 3.19 -12.49 10.56
N GLN A 258 2.42 -11.67 11.28
CA GLN A 258 2.29 -11.80 12.73
C GLN A 258 1.69 -13.13 13.10
N LEU A 259 0.59 -13.48 12.44
CA LEU A 259 -0.06 -14.77 12.73
C LEU A 259 0.90 -15.92 12.46
N LYS A 260 1.61 -15.88 11.35
CA LYS A 260 2.51 -17.00 11.02
C LYS A 260 3.70 -17.14 11.98
N ALA A 261 4.36 -16.01 12.26
CA ALA A 261 5.55 -16.00 13.15
C ALA A 261 5.23 -16.17 14.66
N ARG A 262 4.08 -15.63 15.12
CA ARG A 262 3.81 -15.49 16.56
C ARG A 262 2.50 -16.12 17.08
N GLY A 263 1.61 -16.53 16.18
CA GLY A 263 0.31 -17.08 16.59
C GLY A 263 -0.59 -16.06 17.27
N GLU A 264 -0.35 -14.78 16.97
CA GLU A 264 -1.17 -13.69 17.50
C GLU A 264 -1.10 -12.56 16.50
N VAL A 265 -1.98 -11.59 16.66
CA VAL A 265 -1.97 -10.43 15.77
C VAL A 265 -2.54 -9.24 16.53
N ASP A 266 -1.94 -8.08 16.30
CA ASP A 266 -2.46 -6.83 16.84
C ASP A 266 -2.85 -5.93 15.68
N ILE A 267 -4.12 -6.05 15.28
CA ILE A 267 -4.57 -5.35 14.08
C ILE A 267 -4.68 -3.85 14.34
N LEU A 268 -5.20 -3.47 15.50
CA LEU A 268 -5.19 -2.04 15.90
C LEU A 268 -3.76 -1.44 15.79
N GLY A 269 -2.77 -2.13 16.34
CA GLY A 269 -1.38 -1.63 16.32
C GLY A 269 -0.83 -1.53 14.89
N ILE A 270 -1.20 -2.48 14.03
CA ILE A 270 -0.81 -2.43 12.60
C ILE A 270 -1.37 -1.17 11.93
N VAL A 271 -2.66 -0.93 12.12
CA VAL A 271 -3.29 0.24 11.50
C VAL A 271 -2.67 1.53 12.05
N CYS A 272 -2.37 1.56 13.35
CA CYS A 272 -1.77 2.76 13.94
C CYS A 272 -0.39 3.01 13.36
N GLN A 273 0.41 1.95 13.19
CA GLN A 273 1.75 2.09 12.60
C GLN A 273 1.66 2.60 11.14
N LEU A 274 0.70 2.07 10.38
CA LEU A 274 0.46 2.53 9.01
C LEU A 274 0.12 4.01 8.92
N ARG A 275 -0.76 4.47 9.83
CA ARG A 275 -1.15 5.89 9.86
C ARG A 275 -0.04 6.85 10.25
N LEU A 276 0.92 6.38 11.05
CA LEU A 276 2.12 7.19 11.33
C LEU A 276 2.92 7.41 10.03
N ASP A 277 2.87 6.45 9.11
CA ASP A 277 3.66 6.46 7.87
C ASP A 277 2.92 7.23 6.76
N ARG A 278 1.59 7.09 6.70
CA ARG A 278 0.76 7.84 5.72
C ARG A 278 -0.64 8.02 6.25
N GLY A 279 -1.11 9.26 6.27
CA GLY A 279 -2.39 9.60 6.85
C GLY A 279 -3.53 8.86 6.18
N GLY A 280 -4.52 8.44 6.99
CA GLY A 280 -5.76 7.86 6.47
C GLY A 280 -5.77 6.41 6.01
N MET A 281 -4.65 5.71 6.20
CA MET A 281 -4.52 4.31 5.77
C MET A 281 -5.64 3.45 6.40
N ILE A 282 -6.37 2.73 5.54
CA ILE A 282 -7.62 2.01 5.86
C ILE A 282 -8.73 3.02 6.13
N GLN A 283 -9.65 3.10 5.19
CA GLN A 283 -10.63 4.17 5.21
C GLN A 283 -11.85 3.99 6.08
N THR A 284 -12.40 2.77 6.18
CA THR A 284 -13.71 2.61 6.76
C THR A 284 -13.78 1.52 7.81
N ALA A 285 -14.77 1.62 8.69
CA ALA A 285 -15.01 0.57 9.68
C ALA A 285 -15.27 -0.78 9.01
N GLU A 286 -15.99 -0.76 7.88
CA GLU A 286 -16.24 -1.98 7.11
C GLU A 286 -14.93 -2.65 6.61
N GLN A 287 -14.01 -1.85 6.08
CA GLN A 287 -12.67 -2.37 5.69
C GLN A 287 -11.89 -2.93 6.91
N TYR A 288 -11.96 -2.24 8.05
CA TYR A 288 -11.33 -2.73 9.29
C TYR A 288 -11.93 -4.07 9.75
N GLN A 289 -13.25 -4.21 9.63
CA GLN A 289 -13.95 -5.45 9.95
C GLN A 289 -13.54 -6.54 8.96
N PHE A 290 -13.45 -6.19 7.67
CA PHE A 290 -13.03 -7.14 6.64
C PHE A 290 -11.59 -7.66 6.84
N LEU A 291 -10.72 -6.79 7.33
CA LEU A 291 -9.35 -7.17 7.72
C LEU A 291 -9.32 -8.27 8.77
N HIS A 292 -10.22 -8.17 9.77
CA HIS A 292 -10.34 -9.21 10.79
C HIS A 292 -10.77 -10.55 10.19
N HIS A 293 -11.77 -10.50 9.33
CA HIS A 293 -12.24 -11.69 8.62
C HIS A 293 -11.15 -12.33 7.78
N THR A 294 -10.45 -11.49 7.01
CA THR A 294 -9.38 -11.98 6.12
C THR A 294 -8.27 -12.65 6.91
N LEU A 295 -7.89 -12.03 8.03
CA LEU A 295 -6.86 -12.62 8.87
C LEU A 295 -7.32 -13.88 9.60
N ALA A 296 -8.60 -13.95 10.00
CA ALA A 296 -9.16 -15.20 10.54
C ALA A 296 -9.12 -16.33 9.49
N LEU A 297 -9.39 -16.00 8.23
CA LEU A 297 -9.26 -16.98 7.13
C LEU A 297 -7.82 -17.43 6.97
N TYR A 298 -6.88 -16.48 6.97
CA TYR A 298 -5.46 -16.83 6.88
C TYR A 298 -5.05 -17.80 8.00
N ALA A 299 -5.44 -17.47 9.24
CA ALA A 299 -5.17 -18.31 10.41
C ALA A 299 -5.67 -19.73 10.20
N GLY A 300 -6.90 -19.85 9.69
CA GLY A 300 -7.50 -21.16 9.44
C GLY A 300 -6.80 -21.93 8.34
N GLN A 301 -6.22 -21.21 7.39
CA GLN A 301 -5.52 -21.82 6.27
C GLN A 301 -4.09 -22.22 6.61
N LEU A 302 -3.56 -21.77 7.76
CA LEU A 302 -2.17 -22.09 8.11
C LEU A 302 -1.95 -23.61 8.21
N PRO A 303 -0.81 -24.11 7.66
CA PRO A 303 -0.45 -25.53 7.73
C PRO A 303 -0.47 -26.10 9.14
N GLU A 304 -0.84 -27.38 9.25
CA GLU A 304 -0.78 -28.21 10.48
C GLU A 304 -2.08 -28.30 11.26
N ASP B 2 -10.06 17.80 -6.57
CA ASP B 2 -10.79 16.51 -6.35
C ASP B 2 -10.80 16.15 -4.86
N GLU B 3 -11.83 15.40 -4.46
CA GLU B 3 -11.99 14.98 -3.06
C GLU B 3 -12.25 13.49 -2.92
N VAL B 5 -12.28 11.81 0.43
CA VAL B 5 -13.05 11.46 1.63
C VAL B 5 -14.28 12.34 1.81
#